data_7YRX
#
_entry.id   7YRX
#
_entity_poly.entity_id   1
_entity_poly.type   'polypeptide(L)'
_entity_poly.pdbx_seq_one_letter_code
;CPALCSHSCRSLKLCNRLLPTACPDVCDDDW
;
_entity_poly.pdbx_strand_id   A
#
# COMPACT_ATOMS: atom_id res chain seq x y z
N CYS A 1 3.61 -7.14 -2.21
CA CYS A 1 3.77 -5.69 -2.00
C CYS A 1 5.20 -5.38 -1.60
N PRO A 2 5.84 -4.39 -2.25
CA PRO A 2 7.19 -3.95 -1.91
C PRO A 2 7.31 -3.63 -0.42
N ALA A 3 8.34 -4.18 0.21
CA ALA A 3 8.57 -4.01 1.65
C ALA A 3 8.72 -2.53 2.01
N LEU A 4 9.28 -1.76 1.07
CA LEU A 4 9.44 -0.32 1.25
C LEU A 4 8.08 0.33 1.40
N CYS A 5 7.12 -0.18 0.65
CA CYS A 5 5.76 0.33 0.68
C CYS A 5 5.01 -0.20 1.89
N SER A 6 5.20 -1.49 2.20
CA SER A 6 4.49 -2.12 3.30
C SER A 6 4.79 -1.44 4.65
N HIS A 7 5.99 -0.88 4.77
CA HIS A 7 6.40 -0.18 5.99
C HIS A 7 5.77 1.22 6.06
N SER A 8 5.23 1.65 4.94
CA SER A 8 4.70 3.01 4.80
C SER A 8 3.17 2.99 4.74
N CYS A 9 2.56 2.09 5.51
CA CYS A 9 1.10 1.83 5.50
C CYS A 9 0.23 3.10 5.32
N ARG A 10 0.71 4.25 5.76
CA ARG A 10 -0.03 5.50 5.55
C ARG A 10 -0.07 5.86 4.07
N SER A 11 1.10 5.81 3.45
CA SER A 11 1.27 6.02 2.02
C SER A 11 0.44 5.06 1.17
N LEU A 12 -0.01 3.97 1.78
CA LEU A 12 -0.64 2.87 1.04
C LEU A 12 -1.88 3.29 0.29
N LYS A 13 -2.49 4.38 0.69
CA LYS A 13 -3.63 4.92 -0.04
C LYS A 13 -3.19 5.37 -1.43
N LEU A 14 -2.00 5.93 -1.51
CA LEU A 14 -1.41 6.35 -2.78
C LEU A 14 -0.62 5.20 -3.42
N CYS A 15 0.15 4.49 -2.59
CA CYS A 15 1.03 3.41 -3.07
C CYS A 15 0.24 2.34 -3.81
N ASN A 16 -0.93 1.98 -3.29
CA ASN A 16 -1.81 0.98 -3.91
C ASN A 16 -2.27 1.41 -5.31
N ARG A 17 -2.10 2.68 -5.65
CA ARG A 17 -2.46 3.16 -6.98
C ARG A 17 -1.31 2.93 -7.96
N LEU A 18 -0.10 3.12 -7.46
CA LEU A 18 1.11 2.96 -8.25
C LEU A 18 1.51 1.48 -8.27
N LEU A 19 1.02 0.76 -7.29
CA LEU A 19 1.28 -0.66 -7.13
C LEU A 19 -0.03 -1.41 -6.90
N PRO A 20 -0.92 -1.44 -7.91
CA PRO A 20 -2.26 -2.01 -7.75
C PRO A 20 -2.26 -3.52 -7.63
N THR A 21 -1.51 -4.18 -8.50
CA THR A 21 -1.39 -5.63 -8.45
C THR A 21 -0.23 -6.02 -7.54
N ALA A 22 0.72 -5.11 -7.41
CA ALA A 22 1.88 -5.33 -6.56
C ALA A 22 1.51 -5.25 -5.10
N CYS A 23 0.68 -4.27 -4.73
CA CYS A 23 0.31 -4.10 -3.34
C CYS A 23 -1.20 -4.18 -3.14
N PRO A 24 -1.77 -5.40 -3.11
CA PRO A 24 -3.15 -5.62 -2.73
C PRO A 24 -3.28 -5.63 -1.20
N ASP A 25 -2.13 -5.65 -0.54
CA ASP A 25 -2.05 -5.74 0.91
C ASP A 25 -2.18 -4.35 1.54
N VAL A 26 -3.15 -3.60 1.05
CA VAL A 26 -3.38 -2.24 1.51
C VAL A 26 -4.14 -2.23 2.84
N CYS A 27 -3.71 -1.37 3.75
CA CYS A 27 -4.31 -1.29 5.08
C CYS A 27 -5.79 -0.93 5.01
N ASP A 28 -6.63 -1.85 5.46
CA ASP A 28 -8.09 -1.67 5.39
C ASP A 28 -8.57 -0.61 6.37
N ASP A 29 -7.75 -0.33 7.36
CA ASP A 29 -8.09 0.67 8.37
C ASP A 29 -8.01 2.08 7.78
N ASP A 30 -7.01 2.31 6.94
CA ASP A 30 -6.85 3.60 6.28
C ASP A 30 -7.76 3.70 5.07
N TRP A 31 -8.27 2.57 4.62
CA TRP A 31 -9.15 2.54 3.47
C TRP A 31 -10.59 2.79 3.91
N CYS A 1 2.94 -6.70 -1.41
CA CYS A 1 3.40 -5.30 -1.55
C CYS A 1 4.90 -5.22 -1.30
N PRO A 2 5.66 -4.54 -2.18
CA PRO A 2 7.08 -4.28 -1.97
C PRO A 2 7.34 -3.72 -0.57
N ALA A 3 8.18 -4.44 0.18
CA ALA A 3 8.41 -4.16 1.60
C ALA A 3 8.80 -2.70 1.84
N LEU A 4 9.44 -2.09 0.86
CA LEU A 4 9.87 -0.71 0.97
C LEU A 4 8.68 0.21 1.25
N CYS A 5 7.55 -0.06 0.61
CA CYS A 5 6.36 0.75 0.82
C CYS A 5 5.53 0.24 2.00
N SER A 6 5.73 -1.02 2.37
CA SER A 6 4.91 -1.68 3.39
C SER A 6 4.92 -0.95 4.74
N HIS A 7 6.11 -0.53 5.18
CA HIS A 7 6.25 0.15 6.47
C HIS A 7 5.56 1.51 6.41
N SER A 8 5.37 1.97 5.21
CA SER A 8 4.70 3.22 4.92
C SER A 8 3.19 3.04 4.79
N CYS A 9 2.64 2.11 5.59
CA CYS A 9 1.21 1.73 5.55
C CYS A 9 0.25 2.91 5.36
N ARG A 10 0.64 4.11 5.80
CA ARG A 10 -0.20 5.29 5.61
C ARG A 10 -0.24 5.69 4.14
N SER A 11 0.94 5.68 3.56
CA SER A 11 1.14 5.94 2.14
C SER A 11 0.37 4.95 1.26
N LEU A 12 -0.04 3.84 1.83
CA LEU A 12 -0.60 2.74 1.05
C LEU A 12 -1.87 3.12 0.31
N LYS A 13 -2.53 4.19 0.75
CA LYS A 13 -3.67 4.72 0.01
C LYS A 13 -3.22 5.15 -1.38
N LEU A 14 -2.10 5.85 -1.45
CA LEU A 14 -1.53 6.30 -2.70
C LEU A 14 -0.67 5.20 -3.32
N CYS A 15 0.02 4.44 -2.46
CA CYS A 15 0.89 3.36 -2.90
C CYS A 15 0.11 2.34 -3.73
N ASN A 16 -1.11 2.03 -3.30
CA ASN A 16 -1.96 1.08 -4.00
C ASN A 16 -2.35 1.60 -5.39
N ARG A 17 -2.29 2.91 -5.57
CA ARG A 17 -2.63 3.51 -6.85
C ARG A 17 -1.47 3.36 -7.82
N LEU A 18 -0.28 3.19 -7.27
CA LEU A 18 0.94 3.05 -8.07
C LEU A 18 1.32 1.57 -8.18
N LEU A 19 0.96 0.82 -7.14
CA LEU A 19 1.27 -0.59 -7.04
C LEU A 19 -0.01 -1.40 -6.88
N PRO A 20 -0.82 -1.52 -7.95
CA PRO A 20 -2.14 -2.14 -7.87
C PRO A 20 -2.09 -3.66 -7.75
N THR A 21 -1.29 -4.29 -8.59
CA THR A 21 -1.14 -5.74 -8.56
C THR A 21 -0.03 -6.13 -7.58
N ALA A 22 0.79 -5.15 -7.25
CA ALA A 22 1.91 -5.37 -6.35
C ALA A 22 1.46 -5.28 -4.90
N CYS A 23 0.51 -4.40 -4.61
CA CYS A 23 0.06 -4.21 -3.24
C CYS A 23 -1.46 -4.40 -3.09
N PRO A 24 -1.96 -5.64 -3.23
CA PRO A 24 -3.37 -5.97 -2.94
C PRO A 24 -3.58 -6.04 -1.42
N ASP A 25 -2.47 -6.14 -0.71
CA ASP A 25 -2.45 -6.15 0.74
C ASP A 25 -2.43 -4.74 1.29
N VAL A 26 -3.28 -3.89 0.72
CA VAL A 26 -3.32 -2.48 1.06
C VAL A 26 -4.04 -2.27 2.38
N CYS A 27 -3.51 -1.34 3.18
CA CYS A 27 -4.04 -1.07 4.51
C CYS A 27 -5.50 -0.66 4.46
N ASP A 28 -6.35 -1.49 5.09
CA ASP A 28 -7.79 -1.26 5.11
C ASP A 28 -8.14 -0.19 6.13
N ASP A 29 -7.26 0.01 7.09
CA ASP A 29 -7.49 0.98 8.17
C ASP A 29 -7.50 2.40 7.64
N ASP A 30 -6.70 2.65 6.61
CA ASP A 30 -6.63 3.98 6.01
C ASP A 30 -7.61 4.10 4.85
N TRP A 31 -8.12 2.95 4.41
CA TRP A 31 -9.00 2.88 3.25
C TRP A 31 -10.41 3.29 3.62
N CYS A 1 2.88 -6.75 -1.60
CA CYS A 1 3.27 -5.33 -1.64
C CYS A 1 4.73 -5.20 -1.24
N PRO A 2 5.52 -4.40 -1.98
CA PRO A 2 6.93 -4.16 -1.64
C PRO A 2 7.10 -3.61 -0.23
N ALA A 3 8.15 -4.07 0.45
CA ALA A 3 8.38 -3.77 1.87
C ALA A 3 8.55 -2.28 2.12
N LEU A 4 8.96 -1.54 1.09
CA LEU A 4 9.17 -0.10 1.21
C LEU A 4 7.86 0.59 1.62
N CYS A 5 6.79 0.30 0.89
CA CYS A 5 5.48 0.85 1.23
C CYS A 5 4.97 0.24 2.53
N SER A 6 5.29 -1.03 2.79
CA SER A 6 4.80 -1.72 3.99
C SER A 6 5.21 -0.99 5.27
N HIS A 7 6.42 -0.44 5.28
CA HIS A 7 6.94 0.34 6.42
C HIS A 7 6.23 1.69 6.53
N SER A 8 5.44 2.00 5.52
CA SER A 8 4.79 3.29 5.40
C SER A 8 3.30 3.13 5.18
N CYS A 9 2.71 2.11 5.84
CA CYS A 9 1.32 1.67 5.61
C CYS A 9 0.32 2.79 5.30
N ARG A 10 0.53 4.00 5.84
CA ARG A 10 -0.34 5.13 5.52
C ARG A 10 -0.31 5.41 4.01
N SER A 11 0.90 5.44 3.49
CA SER A 11 1.18 5.69 2.08
C SER A 11 0.50 4.72 1.13
N LEU A 12 0.03 3.59 1.64
CA LEU A 12 -0.49 2.52 0.79
C LEU A 12 -1.73 2.95 0.02
N LYS A 13 -2.39 3.99 0.51
CA LYS A 13 -3.51 4.59 -0.20
C LYS A 13 -3.02 5.11 -1.56
N LEU A 14 -1.80 5.62 -1.56
CA LEU A 14 -1.14 6.08 -2.76
C LEU A 14 -0.41 4.93 -3.46
N CYS A 15 0.27 4.08 -2.69
CA CYS A 15 1.03 2.96 -3.26
C CYS A 15 0.13 2.07 -4.10
N ASN A 16 -1.13 1.95 -3.71
CA ASN A 16 -2.09 1.11 -4.43
C ASN A 16 -2.35 1.63 -5.85
N ARG A 17 -2.01 2.90 -6.10
CA ARG A 17 -2.18 3.48 -7.42
C ARG A 17 -0.98 3.17 -8.29
N LEU A 18 0.18 3.12 -7.65
CA LEU A 18 1.43 2.87 -8.35
C LEU A 18 1.66 1.36 -8.47
N LEU A 19 1.13 0.65 -7.48
CA LEU A 19 1.27 -0.79 -7.37
C LEU A 19 -0.10 -1.44 -7.23
N PRO A 20 -0.93 -1.39 -8.29
CA PRO A 20 -2.33 -1.82 -8.20
C PRO A 20 -2.47 -3.31 -7.94
N THR A 21 -1.76 -4.12 -8.71
CA THR A 21 -1.75 -5.56 -8.50
C THR A 21 -0.61 -5.95 -7.57
N ALA A 22 0.42 -5.11 -7.52
CA ALA A 22 1.62 -5.41 -6.75
C ALA A 22 1.44 -5.09 -5.27
N CYS A 23 0.47 -4.24 -4.95
CA CYS A 23 0.21 -3.90 -3.55
C CYS A 23 -1.27 -4.07 -3.22
N PRO A 24 -1.74 -5.33 -3.10
CA PRO A 24 -3.08 -5.63 -2.64
C PRO A 24 -3.09 -5.84 -1.13
N ASP A 25 -2.07 -5.31 -0.47
CA ASP A 25 -1.90 -5.46 0.97
C ASP A 25 -2.10 -4.12 1.65
N VAL A 26 -3.09 -3.38 1.20
CA VAL A 26 -3.35 -2.05 1.73
C VAL A 26 -4.11 -2.16 3.04
N CYS A 27 -3.60 -1.47 4.06
CA CYS A 27 -4.21 -1.50 5.39
C CYS A 27 -5.67 -1.07 5.33
N ASP A 28 -6.55 -1.99 5.69
CA ASP A 28 -7.98 -1.74 5.65
C ASP A 28 -8.41 -0.76 6.73
N ASP A 29 -7.59 -0.64 7.77
CA ASP A 29 -7.87 0.27 8.88
C ASP A 29 -7.72 1.72 8.45
N ASP A 30 -7.00 1.94 7.35
CA ASP A 30 -6.73 3.30 6.88
C ASP A 30 -7.86 3.80 6.00
N TRP A 31 -8.79 2.91 5.68
CA TRP A 31 -9.94 3.28 4.86
C TRP A 31 -11.10 3.70 5.75
N CYS A 1 4.32 -6.41 -2.72
CA CYS A 1 4.38 -4.95 -2.48
C CYS A 1 5.77 -4.58 -1.98
N PRO A 2 6.37 -3.51 -2.52
CA PRO A 2 7.66 -3.00 -2.05
C PRO A 2 7.64 -2.76 -0.54
N ALA A 3 8.66 -3.27 0.13
CA ALA A 3 8.73 -3.27 1.60
C ALA A 3 8.68 -1.85 2.17
N LEU A 4 9.05 -0.87 1.36
CA LEU A 4 8.98 0.53 1.76
C LEU A 4 7.54 0.92 2.11
N CYS A 5 6.61 0.56 1.23
CA CYS A 5 5.20 0.87 1.47
C CYS A 5 4.61 -0.07 2.53
N SER A 6 5.25 -1.21 2.72
CA SER A 6 4.74 -2.21 3.67
C SER A 6 4.81 -1.69 5.10
N HIS A 7 5.93 -1.06 5.45
CA HIS A 7 6.11 -0.54 6.80
C HIS A 7 5.32 0.76 6.98
N SER A 8 5.21 1.51 5.90
CA SER A 8 4.47 2.76 5.89
C SER A 8 3.05 2.54 5.40
N CYS A 9 2.50 1.36 5.68
CA CYS A 9 1.27 0.84 5.08
C CYS A 9 0.11 1.85 4.95
N ARG A 10 0.16 2.96 5.66
CA ARG A 10 -0.81 4.03 5.46
C ARG A 10 -0.72 4.53 4.03
N SER A 11 0.51 4.66 3.59
CA SER A 11 0.89 5.04 2.23
C SER A 11 0.26 4.13 1.17
N LEU A 12 -0.20 2.97 1.59
CA LEU A 12 -0.72 1.97 0.66
C LEU A 12 -1.82 2.53 -0.24
N LYS A 13 -2.54 3.55 0.23
CA LYS A 13 -3.55 4.20 -0.59
C LYS A 13 -2.91 4.78 -1.85
N LEU A 14 -1.77 5.42 -1.68
CA LEU A 14 -1.05 6.00 -2.79
C LEU A 14 -0.23 4.94 -3.52
N CYS A 15 0.45 4.08 -2.76
CA CYS A 15 1.28 3.03 -3.35
C CYS A 15 0.46 2.13 -4.26
N ASN A 16 -0.80 1.88 -3.90
CA ASN A 16 -1.68 1.01 -4.68
C ASN A 16 -2.05 1.64 -6.03
N ARG A 17 -1.87 2.95 -6.15
CA ARG A 17 -2.23 3.63 -7.38
C ARG A 17 -1.25 3.28 -8.50
N LEU A 18 0.02 3.15 -8.16
CA LEU A 18 1.04 2.77 -9.12
C LEU A 18 1.33 1.28 -9.04
N LEU A 19 1.06 0.71 -7.87
CA LEU A 19 1.28 -0.69 -7.59
C LEU A 19 -0.04 -1.36 -7.20
N PRO A 20 -1.00 -1.48 -8.13
CA PRO A 20 -2.36 -1.94 -7.82
C PRO A 20 -2.43 -3.42 -7.51
N THR A 21 -1.81 -4.23 -8.36
CA THR A 21 -1.78 -5.66 -8.14
C THR A 21 -0.56 -6.05 -7.32
N ALA A 22 0.43 -5.16 -7.32
CA ALA A 22 1.65 -5.38 -6.56
C ALA A 22 1.44 -5.06 -5.08
N CYS A 23 0.55 -4.12 -4.80
CA CYS A 23 0.29 -3.73 -3.41
C CYS A 23 -1.20 -3.80 -3.07
N PRO A 24 -1.76 -5.02 -2.95
CA PRO A 24 -3.14 -5.21 -2.53
C PRO A 24 -3.27 -5.29 -1.02
N ASP A 25 -2.15 -5.02 -0.35
CA ASP A 25 -2.03 -5.14 1.09
C ASP A 25 -2.38 -3.82 1.77
N VAL A 26 -3.48 -3.22 1.35
CA VAL A 26 -3.88 -1.91 1.85
C VAL A 26 -4.50 -2.02 3.24
N CYS A 27 -3.99 -1.21 4.17
CA CYS A 27 -4.47 -1.21 5.55
C CYS A 27 -5.80 -0.48 5.66
N ASP A 28 -6.81 -1.17 6.18
CA ASP A 28 -8.13 -0.59 6.37
C ASP A 28 -8.09 0.50 7.45
N ASP A 29 -7.04 0.48 8.26
CA ASP A 29 -6.88 1.44 9.34
C ASP A 29 -6.72 2.85 8.77
N ASP A 30 -6.26 2.94 7.54
CA ASP A 30 -6.06 4.23 6.88
C ASP A 30 -7.39 4.77 6.36
N TRP A 31 -8.34 3.86 6.12
CA TRP A 31 -9.63 4.22 5.57
C TRP A 31 -10.40 5.08 6.57
N CYS A 1 4.49 -7.36 -3.10
CA CYS A 1 4.41 -5.97 -2.59
C CYS A 1 5.77 -5.53 -2.04
N PRO A 2 6.35 -4.48 -2.66
CA PRO A 2 7.63 -3.90 -2.20
C PRO A 2 7.61 -3.58 -0.71
N ALA A 3 8.61 -4.11 0.01
CA ALA A 3 8.69 -3.99 1.47
C ALA A 3 8.76 -2.52 1.89
N LEU A 4 9.38 -1.69 1.08
CA LEU A 4 9.47 -0.26 1.38
C LEU A 4 8.07 0.35 1.48
N CYS A 5 7.19 -0.08 0.60
CA CYS A 5 5.81 0.40 0.61
C CYS A 5 5.06 -0.19 1.82
N SER A 6 5.32 -1.46 2.11
CA SER A 6 4.64 -2.14 3.21
C SER A 6 4.94 -1.49 4.57
N HIS A 7 6.09 -0.83 4.66
CA HIS A 7 6.52 -0.17 5.90
C HIS A 7 5.84 1.20 6.04
N SER A 8 5.19 1.64 4.99
CA SER A 8 4.60 2.97 4.94
C SER A 8 3.08 2.90 4.86
N CYS A 9 2.49 1.94 5.58
CA CYS A 9 1.06 1.57 5.45
C CYS A 9 0.10 2.75 5.21
N ARG A 10 0.41 3.92 5.76
CA ARG A 10 -0.45 5.09 5.59
C ARG A 10 -0.47 5.54 4.13
N SER A 11 0.70 5.51 3.55
CA SER A 11 0.92 5.84 2.15
C SER A 11 0.18 4.91 1.19
N LEU A 12 -0.25 3.75 1.69
CA LEU A 12 -0.71 2.68 0.81
C LEU A 12 -1.98 3.02 0.04
N LYS A 13 -2.75 3.98 0.52
CA LYS A 13 -3.88 4.44 -0.26
C LYS A 13 -3.40 5.04 -1.59
N LEU A 14 -2.25 5.70 -1.53
CA LEU A 14 -1.62 6.26 -2.72
C LEU A 14 -0.73 5.22 -3.39
N CYS A 15 0.02 4.49 -2.57
CA CYS A 15 0.96 3.47 -3.05
C CYS A 15 0.23 2.43 -3.90
N ASN A 16 -1.00 2.12 -3.52
CA ASN A 16 -1.84 1.16 -4.25
C ASN A 16 -2.12 1.63 -5.68
N ARG A 17 -2.03 2.93 -5.90
CA ARG A 17 -2.29 3.48 -7.22
C ARG A 17 -1.04 3.37 -8.09
N LEU A 18 0.09 3.15 -7.42
CA LEU A 18 1.36 2.97 -8.10
C LEU A 18 1.68 1.47 -8.19
N LEU A 19 1.17 0.74 -7.21
CA LEU A 19 1.40 -0.69 -7.08
C LEU A 19 0.08 -1.41 -6.80
N PRO A 20 -0.83 -1.45 -7.79
CA PRO A 20 -2.20 -1.95 -7.58
C PRO A 20 -2.26 -3.47 -7.42
N THR A 21 -1.57 -4.18 -8.30
CA THR A 21 -1.54 -5.62 -8.24
C THR A 21 -0.40 -6.08 -7.35
N ALA A 22 0.62 -5.24 -7.26
CA ALA A 22 1.79 -5.51 -6.43
C ALA A 22 1.44 -5.39 -4.96
N CYS A 23 0.68 -4.37 -4.60
CA CYS A 23 0.36 -4.12 -3.20
C CYS A 23 -1.15 -3.99 -2.97
N PRO A 24 -1.88 -5.12 -2.97
CA PRO A 24 -3.29 -5.16 -2.61
C PRO A 24 -3.47 -5.29 -1.10
N ASP A 25 -2.34 -5.39 -0.40
CA ASP A 25 -2.32 -5.57 1.04
C ASP A 25 -2.42 -4.24 1.77
N VAL A 26 -3.34 -3.40 1.30
CA VAL A 26 -3.53 -2.08 1.86
C VAL A 26 -4.33 -2.16 3.16
N CYS A 27 -3.86 -1.44 4.17
CA CYS A 27 -4.48 -1.45 5.48
C CYS A 27 -5.92 -0.98 5.40
N ASP A 28 -6.84 -1.80 5.88
CA ASP A 28 -8.28 -1.50 5.85
C ASP A 28 -8.60 -0.28 6.70
N ASP A 29 -7.68 0.08 7.60
CA ASP A 29 -7.85 1.26 8.45
C ASP A 29 -7.59 2.53 7.66
N ASP A 30 -6.71 2.44 6.67
CA ASP A 30 -6.35 3.61 5.87
C ASP A 30 -7.21 3.69 4.62
N TRP A 31 -7.70 2.54 4.19
CA TRP A 31 -8.51 2.45 2.97
C TRP A 31 -9.75 3.35 3.06
N CYS A 1 4.35 -6.75 -3.11
CA CYS A 1 4.37 -5.33 -2.70
C CYS A 1 5.74 -4.97 -2.14
N PRO A 2 6.34 -3.87 -2.62
CA PRO A 2 7.60 -3.35 -2.06
C PRO A 2 7.47 -3.05 -0.56
N ALA A 3 8.42 -3.54 0.22
CA ALA A 3 8.35 -3.44 1.67
C ALA A 3 8.38 -1.99 2.14
N LEU A 4 8.89 -1.10 1.29
CA LEU A 4 8.93 0.32 1.61
C LEU A 4 7.54 0.85 1.92
N CYS A 5 6.58 0.50 1.08
CA CYS A 5 5.20 0.91 1.30
C CYS A 5 4.59 0.17 2.47
N SER A 6 4.98 -1.08 2.67
CA SER A 6 4.45 -1.89 3.75
C SER A 6 4.88 -1.32 5.11
N HIS A 7 6.14 -0.87 5.18
CA HIS A 7 6.70 -0.29 6.41
C HIS A 7 6.04 1.07 6.71
N SER A 8 5.32 1.58 5.74
CA SER A 8 4.67 2.87 5.83
C SER A 8 3.21 2.75 5.43
N CYS A 9 2.64 1.58 5.73
CA CYS A 9 1.36 1.10 5.16
C CYS A 9 0.25 2.15 5.02
N ARG A 10 0.31 3.27 5.73
CA ARG A 10 -0.64 4.35 5.52
C ARG A 10 -0.53 4.85 4.09
N SER A 11 0.69 4.90 3.64
CA SER A 11 1.07 5.28 2.28
C SER A 11 0.42 4.35 1.23
N LEU A 12 -0.04 3.18 1.66
CA LEU A 12 -0.61 2.19 0.75
C LEU A 12 -1.76 2.77 -0.07
N LYS A 13 -2.45 3.76 0.50
CA LYS A 13 -3.51 4.46 -0.21
C LYS A 13 -2.98 5.06 -1.52
N LEU A 14 -1.74 5.53 -1.46
CA LEU A 14 -1.07 6.09 -2.63
C LEU A 14 -0.36 4.99 -3.42
N CYS A 15 0.35 4.11 -2.70
CA CYS A 15 1.12 3.04 -3.35
C CYS A 15 0.23 2.15 -4.21
N ASN A 16 -1.02 1.97 -3.80
CA ASN A 16 -1.96 1.11 -4.53
C ASN A 16 -2.32 1.70 -5.89
N ARG A 17 -2.01 2.98 -6.10
CA ARG A 17 -2.31 3.63 -7.36
C ARG A 17 -1.24 3.30 -8.39
N LEU A 18 -0.02 3.12 -7.91
CA LEU A 18 1.11 2.83 -8.80
C LEU A 18 1.41 1.34 -8.78
N LEU A 19 1.06 0.72 -7.67
CA LEU A 19 1.31 -0.70 -7.44
C LEU A 19 0.01 -1.38 -7.02
N PRO A 20 -0.94 -1.54 -7.96
CA PRO A 20 -2.29 -2.04 -7.64
C PRO A 20 -2.31 -3.56 -7.47
N THR A 21 -1.69 -4.26 -8.39
CA THR A 21 -1.62 -5.71 -8.31
C THR A 21 -0.48 -6.13 -7.40
N ALA A 22 0.53 -5.26 -7.33
CA ALA A 22 1.69 -5.51 -6.49
C ALA A 22 1.36 -5.27 -5.03
N CYS A 23 0.55 -4.25 -4.75
CA CYS A 23 0.24 -3.90 -3.38
C CYS A 23 -1.26 -3.91 -3.11
N PRO A 24 -1.86 -5.10 -2.96
CA PRO A 24 -3.26 -5.24 -2.56
C PRO A 24 -3.40 -5.29 -1.04
N ASP A 25 -2.25 -5.17 -0.37
CA ASP A 25 -2.18 -5.26 1.08
C ASP A 25 -2.39 -3.89 1.73
N VAL A 26 -3.42 -3.19 1.26
CA VAL A 26 -3.72 -1.86 1.75
C VAL A 26 -4.39 -1.94 3.12
N CYS A 27 -3.70 -1.42 4.14
CA CYS A 27 -4.21 -1.42 5.49
C CYS A 27 -5.60 -0.81 5.54
N ASP A 28 -6.56 -1.63 5.95
CA ASP A 28 -7.98 -1.27 5.93
C ASP A 28 -8.27 -0.10 6.87
N ASP A 29 -7.34 0.20 7.76
CA ASP A 29 -7.51 1.32 8.67
C ASP A 29 -7.43 2.64 7.92
N ASP A 30 -6.39 2.81 7.12
CA ASP A 30 -6.17 4.07 6.42
C ASP A 30 -6.88 4.06 5.07
N TRP A 31 -6.96 2.89 4.45
CA TRP A 31 -7.60 2.73 3.15
C TRP A 31 -9.04 3.23 3.19
N CYS A 1 3.87 -6.68 -2.68
CA CYS A 1 3.96 -5.24 -2.34
C CYS A 1 5.34 -4.94 -1.76
N PRO A 2 5.99 -3.86 -2.25
CA PRO A 2 7.29 -3.43 -1.74
C PRO A 2 7.29 -3.23 -0.23
N ALA A 3 8.09 -4.01 0.47
CA ALA A 3 8.13 -3.99 1.93
C ALA A 3 8.55 -2.62 2.45
N LEU A 4 9.39 -1.92 1.70
CA LEU A 4 9.84 -0.59 2.09
C LEU A 4 8.68 0.40 2.05
N CYS A 5 7.71 0.16 1.17
CA CYS A 5 6.51 0.99 1.13
C CYS A 5 5.51 0.48 2.17
N SER A 6 5.47 -0.83 2.34
CA SER A 6 4.49 -1.50 3.21
C SER A 6 4.43 -0.89 4.61
N HIS A 7 5.59 -0.56 5.18
CA HIS A 7 5.65 -0.03 6.55
C HIS A 7 4.91 1.31 6.66
N SER A 8 4.95 2.09 5.60
CA SER A 8 4.23 3.37 5.55
C SER A 8 2.76 3.16 5.19
N CYS A 9 2.18 2.05 5.69
CA CYS A 9 0.86 1.54 5.29
C CYS A 9 -0.22 2.62 5.07
N ARG A 10 -0.11 3.78 5.70
CA ARG A 10 -1.04 4.87 5.45
C ARG A 10 -0.92 5.34 4.01
N SER A 11 0.32 5.61 3.62
CA SER A 11 0.69 6.00 2.27
C SER A 11 0.28 4.97 1.22
N LEU A 12 -0.02 3.75 1.65
CA LEU A 12 -0.26 2.65 0.74
C LEU A 12 -1.51 2.87 -0.10
N LYS A 13 -2.38 3.75 0.34
CA LYS A 13 -3.50 4.19 -0.47
C LYS A 13 -2.98 4.77 -1.79
N LEU A 14 -1.87 5.49 -1.68
CA LEU A 14 -1.20 6.09 -2.84
C LEU A 14 -0.24 5.10 -3.49
N CYS A 15 0.41 4.30 -2.65
CA CYS A 15 1.35 3.27 -3.14
C CYS A 15 0.63 2.29 -4.07
N ASN A 16 -0.63 2.00 -3.73
CA ASN A 16 -1.47 1.11 -4.53
C ASN A 16 -1.84 1.74 -5.87
N ARG A 17 -1.62 3.04 -6.04
CA ARG A 17 -1.93 3.70 -7.30
C ARG A 17 -0.95 3.27 -8.39
N LEU A 18 0.29 3.06 -8.00
CA LEU A 18 1.32 2.58 -8.92
C LEU A 18 1.47 1.07 -8.79
N LEU A 19 0.98 0.54 -7.67
CA LEU A 19 1.07 -0.88 -7.37
C LEU A 19 -0.31 -1.44 -7.04
N PRO A 20 -1.25 -1.41 -8.00
CA PRO A 20 -2.64 -1.81 -7.74
C PRO A 20 -2.81 -3.32 -7.60
N THR A 21 -2.25 -4.05 -8.54
CA THR A 21 -2.26 -5.50 -8.48
C THR A 21 -1.02 -6.01 -7.75
N ALA A 22 -0.03 -5.15 -7.63
CA ALA A 22 1.24 -5.51 -7.03
C ALA A 22 1.20 -5.33 -5.52
N CYS A 23 0.31 -4.49 -5.03
CA CYS A 23 0.22 -4.25 -3.59
C CYS A 23 -1.19 -4.46 -3.08
N PRO A 24 -1.49 -5.67 -2.59
CA PRO A 24 -2.74 -5.96 -1.89
C PRO A 24 -2.60 -5.74 -0.38
N ASP A 25 -1.45 -5.17 0.01
CA ASP A 25 -1.15 -4.95 1.42
C ASP A 25 -1.61 -3.58 1.88
N VAL A 26 -2.65 -3.06 1.24
CA VAL A 26 -3.20 -1.78 1.62
C VAL A 26 -4.15 -1.95 2.80
N CYS A 27 -3.73 -1.52 3.97
CA CYS A 27 -4.51 -1.73 5.18
C CYS A 27 -5.77 -0.86 5.18
N ASP A 28 -6.92 -1.52 5.16
CA ASP A 28 -8.19 -0.83 5.24
C ASP A 28 -8.44 -0.40 6.67
N ASP A 29 -7.63 -0.94 7.57
CA ASP A 29 -7.69 -0.64 8.98
C ASP A 29 -7.60 0.86 9.21
N ASP A 30 -6.61 1.49 8.57
CA ASP A 30 -6.42 2.93 8.69
C ASP A 30 -7.38 3.65 7.76
N TRP A 31 -7.49 3.14 6.53
CA TRP A 31 -8.42 3.66 5.53
C TRP A 31 -8.04 5.09 5.12
N CYS A 1 4.62 -6.83 -2.72
CA CYS A 1 4.59 -5.37 -2.44
C CYS A 1 5.97 -4.91 -2.00
N PRO A 2 6.52 -3.86 -2.65
CA PRO A 2 7.80 -3.27 -2.24
C PRO A 2 7.83 -2.90 -0.76
N ALA A 3 8.96 -3.18 -0.12
CA ALA A 3 9.12 -3.02 1.32
C ALA A 3 8.91 -1.59 1.78
N LEU A 4 9.20 -0.64 0.89
CA LEU A 4 9.00 0.77 1.19
C LEU A 4 7.52 1.03 1.49
N CYS A 5 6.67 0.30 0.80
CA CYS A 5 5.23 0.43 0.99
C CYS A 5 4.73 -0.44 2.13
N SER A 6 5.16 -1.71 2.17
CA SER A 6 4.59 -2.67 3.12
C SER A 6 4.71 -2.20 4.58
N HIS A 7 5.87 -1.66 4.94
CA HIS A 7 6.09 -1.12 6.28
C HIS A 7 5.24 0.14 6.51
N SER A 8 4.98 0.83 5.43
CA SER A 8 4.36 2.14 5.46
C SER A 8 2.89 2.08 5.06
N CYS A 9 2.21 1.00 5.44
CA CYS A 9 0.84 0.68 5.01
C CYS A 9 -0.10 1.91 4.91
N ARG A 10 0.15 2.96 5.68
CA ARG A 10 -0.65 4.18 5.60
C ARG A 10 -0.59 4.76 4.20
N SER A 11 0.63 4.86 3.70
CA SER A 11 0.94 5.33 2.36
C SER A 11 0.26 4.50 1.27
N LEU A 12 -0.21 3.32 1.61
CA LEU A 12 -0.66 2.36 0.62
C LEU A 12 -1.90 2.82 -0.14
N LYS A 13 -2.63 3.77 0.42
CA LYS A 13 -3.73 4.37 -0.31
C LYS A 13 -3.21 5.04 -1.58
N LEU A 14 -1.98 5.54 -1.51
CA LEU A 14 -1.29 6.09 -2.67
C LEU A 14 -0.54 5.00 -3.43
N CYS A 15 0.20 4.18 -2.68
CA CYS A 15 1.06 3.15 -3.27
C CYS A 15 0.26 2.18 -4.14
N ASN A 16 -0.97 1.87 -3.73
CA ASN A 16 -1.81 0.93 -4.47
C ASN A 16 -2.17 1.46 -5.85
N ARG A 17 -2.02 2.77 -6.03
CA ARG A 17 -2.33 3.40 -7.31
C ARG A 17 -1.20 3.15 -8.29
N LEU A 18 0.01 3.01 -7.76
CA LEU A 18 1.20 2.79 -8.57
C LEU A 18 1.51 1.31 -8.64
N LEU A 19 1.06 0.59 -7.62
CA LEU A 19 1.33 -0.83 -7.48
C LEU A 19 0.04 -1.56 -7.14
N PRO A 20 -0.87 -1.70 -8.11
CA PRO A 20 -2.22 -2.24 -7.89
C PRO A 20 -2.22 -3.75 -7.62
N THR A 21 -1.52 -4.49 -8.48
CA THR A 21 -1.41 -5.93 -8.32
C THR A 21 -0.21 -6.28 -7.47
N ALA A 22 0.59 -5.28 -7.16
CA ALA A 22 1.81 -5.47 -6.40
C ALA A 22 1.60 -5.16 -4.93
N CYS A 23 0.81 -4.12 -4.64
CA CYS A 23 0.55 -3.74 -3.27
C CYS A 23 -0.95 -3.67 -2.97
N PRO A 24 -1.59 -4.84 -2.80
CA PRO A 24 -2.97 -4.93 -2.34
C PRO A 24 -3.03 -4.92 -0.82
N ASP A 25 -1.88 -4.64 -0.20
CA ASP A 25 -1.73 -4.68 1.24
C ASP A 25 -2.17 -3.36 1.85
N VAL A 26 -3.29 -2.86 1.37
CA VAL A 26 -3.85 -1.59 1.84
C VAL A 26 -4.62 -1.79 3.13
N CYS A 27 -4.34 -0.97 4.12
CA CYS A 27 -5.11 -0.99 5.34
C CYS A 27 -6.16 0.11 5.32
N ASP A 28 -7.42 -0.31 5.31
CA ASP A 28 -8.53 0.64 5.24
C ASP A 28 -8.86 1.16 6.63
N ASP A 29 -8.29 0.51 7.65
CA ASP A 29 -8.50 0.91 9.03
C ASP A 29 -7.86 2.26 9.31
N ASP A 30 -6.74 2.52 8.64
CA ASP A 30 -6.02 3.77 8.84
C ASP A 30 -6.68 4.90 8.07
N TRP A 31 -7.33 4.55 6.96
CA TRP A 31 -7.96 5.53 6.11
C TRP A 31 -9.38 5.81 6.59
N CYS A 1 4.61 -7.07 -2.88
CA CYS A 1 4.56 -5.66 -2.48
C CYS A 1 5.89 -5.22 -1.90
N PRO A 2 6.49 -4.16 -2.46
CA PRO A 2 7.71 -3.57 -1.90
C PRO A 2 7.56 -3.26 -0.42
N ALA A 3 8.54 -3.69 0.36
CA ALA A 3 8.47 -3.60 1.82
C ALA A 3 8.36 -2.17 2.31
N LEU A 4 8.79 -1.22 1.48
CA LEU A 4 8.70 0.19 1.82
C LEU A 4 7.24 0.60 1.99
N CYS A 5 6.44 0.39 0.96
CA CYS A 5 5.03 0.69 1.03
C CYS A 5 4.35 -0.16 2.10
N SER A 6 4.71 -1.44 2.19
CA SER A 6 4.05 -2.34 3.13
C SER A 6 4.29 -1.88 4.58
N HIS A 7 5.53 -1.50 4.90
CA HIS A 7 5.87 -0.95 6.21
C HIS A 7 5.10 0.35 6.44
N SER A 8 5.18 1.23 5.47
CA SER A 8 4.53 2.52 5.50
C SER A 8 3.07 2.43 5.03
N CYS A 9 2.42 1.31 5.35
CA CYS A 9 1.10 0.91 4.80
C CYS A 9 0.10 2.07 4.64
N ARG A 10 0.24 3.14 5.40
CA ARG A 10 -0.61 4.31 5.25
C ARG A 10 -0.54 4.85 3.82
N SER A 11 0.66 4.82 3.31
CA SER A 11 0.98 5.20 1.94
C SER A 11 0.16 4.46 0.89
N LEU A 12 -0.44 3.34 1.27
CA LEU A 12 -1.03 2.42 0.30
C LEU A 12 -2.23 3.00 -0.44
N LYS A 13 -2.88 4.01 0.12
CA LYS A 13 -3.96 4.66 -0.61
C LYS A 13 -3.42 5.32 -1.87
N LEU A 14 -2.21 5.88 -1.75
CA LEU A 14 -1.51 6.46 -2.89
C LEU A 14 -0.67 5.40 -3.61
N CYS A 15 0.06 4.60 -2.85
CA CYS A 15 0.99 3.61 -3.41
C CYS A 15 0.27 2.57 -4.27
N ASN A 16 -0.98 2.27 -3.93
CA ASN A 16 -1.76 1.28 -4.69
C ASN A 16 -2.09 1.79 -6.09
N ARG A 17 -1.88 3.08 -6.34
CA ARG A 17 -2.11 3.64 -7.67
C ARG A 17 -1.04 3.16 -8.65
N LEU A 18 0.19 3.07 -8.16
CA LEU A 18 1.31 2.62 -8.99
C LEU A 18 1.62 1.15 -8.74
N LEU A 19 1.22 0.65 -7.58
CA LEU A 19 1.43 -0.74 -7.21
C LEU A 19 0.09 -1.39 -6.81
N PRO A 20 -0.85 -1.53 -7.76
CA PRO A 20 -2.20 -2.01 -7.46
C PRO A 20 -2.26 -3.52 -7.22
N THR A 21 -1.66 -4.28 -8.12
CA THR A 21 -1.61 -5.74 -7.96
C THR A 21 -0.35 -6.13 -7.19
N ALA A 22 0.67 -5.29 -7.31
CA ALA A 22 1.92 -5.52 -6.62
C ALA A 22 1.74 -5.31 -5.12
N CYS A 23 0.93 -4.34 -4.75
CA CYS A 23 0.68 -4.04 -3.35
C CYS A 23 -0.80 -4.10 -3.00
N PRO A 24 -1.31 -5.30 -2.71
CA PRO A 24 -2.68 -5.48 -2.22
C PRO A 24 -2.74 -5.34 -0.71
N ASP A 25 -1.62 -4.92 -0.13
CA ASP A 25 -1.47 -4.81 1.32
C ASP A 25 -1.99 -3.46 1.80
N VAL A 26 -3.13 -3.05 1.27
CA VAL A 26 -3.71 -1.75 1.58
C VAL A 26 -4.54 -1.84 2.86
N CYS A 27 -4.04 -1.28 3.95
CA CYS A 27 -4.75 -1.33 5.21
C CYS A 27 -5.72 -0.15 5.34
N ASP A 28 -7.00 -0.48 5.36
CA ASP A 28 -8.04 0.53 5.53
C ASP A 28 -8.26 0.84 7.01
N ASP A 29 -7.91 -0.13 7.84
CA ASP A 29 -8.13 -0.05 9.29
C ASP A 29 -7.27 1.03 9.92
N ASP A 30 -6.13 1.31 9.30
CA ASP A 30 -5.20 2.30 9.84
C ASP A 30 -5.82 3.68 9.80
N TRP A 31 -6.62 3.92 8.77
CA TRP A 31 -7.24 5.22 8.55
C TRP A 31 -8.37 5.46 9.55
N CYS A 1 4.70 -6.85 -2.90
CA CYS A 1 4.76 -5.41 -2.60
C CYS A 1 6.18 -5.02 -2.21
N PRO A 2 6.73 -3.96 -2.82
CA PRO A 2 8.05 -3.44 -2.44
C PRO A 2 8.12 -3.11 -0.96
N ALA A 3 9.25 -3.45 -0.35
CA ALA A 3 9.44 -3.36 1.10
C ALA A 3 9.17 -1.95 1.64
N LEU A 4 9.36 -0.95 0.80
CA LEU A 4 9.07 0.44 1.20
C LEU A 4 7.59 0.60 1.54
N CYS A 5 6.73 0.24 0.60
CA CYS A 5 5.29 0.31 0.82
C CYS A 5 4.85 -0.75 1.82
N SER A 6 5.57 -1.86 1.88
CA SER A 6 5.23 -2.94 2.81
C SER A 6 5.20 -2.44 4.27
N HIS A 7 6.08 -1.48 4.59
CA HIS A 7 6.18 -0.95 5.94
C HIS A 7 5.29 0.30 6.10
N SER A 8 5.07 1.01 5.01
CA SER A 8 4.37 2.29 5.03
C SER A 8 2.86 2.13 4.84
N CYS A 9 2.31 1.06 5.40
CA CYS A 9 0.91 0.64 5.17
C CYS A 9 -0.11 1.79 5.07
N ARG A 10 0.14 2.92 5.74
CA ARG A 10 -0.74 4.07 5.65
C ARG A 10 -0.68 4.67 4.24
N SER A 11 0.54 4.96 3.82
CA SER A 11 0.83 5.49 2.48
C SER A 11 0.25 4.62 1.37
N LEU A 12 -0.09 3.38 1.69
CA LEU A 12 -0.55 2.43 0.69
C LEU A 12 -1.80 2.87 -0.02
N LYS A 13 -2.54 3.80 0.56
CA LYS A 13 -3.70 4.36 -0.10
C LYS A 13 -3.26 5.00 -1.41
N LEU A 14 -2.08 5.61 -1.37
CA LEU A 14 -1.46 6.23 -2.54
C LEU A 14 -0.65 5.21 -3.33
N CYS A 15 0.18 4.43 -2.63
CA CYS A 15 1.08 3.46 -3.26
C CYS A 15 0.31 2.46 -4.12
N ASN A 16 -0.91 2.12 -3.70
CA ASN A 16 -1.72 1.13 -4.39
C ASN A 16 -2.15 1.62 -5.77
N ARG A 17 -2.00 2.92 -6.03
CA ARG A 17 -2.39 3.48 -7.31
C ARG A 17 -1.37 3.16 -8.39
N LEU A 18 -0.10 3.08 -7.99
CA LEU A 18 0.97 2.71 -8.91
C LEU A 18 1.36 1.26 -8.76
N LEU A 19 1.08 0.70 -7.58
CA LEU A 19 1.37 -0.70 -7.29
C LEU A 19 0.11 -1.40 -6.78
N PRO A 20 -0.91 -1.58 -7.64
CA PRO A 20 -2.21 -2.12 -7.22
C PRO A 20 -2.19 -3.62 -7.01
N THR A 21 -1.64 -4.34 -7.98
CA THR A 21 -1.54 -5.78 -7.89
C THR A 21 -0.31 -6.17 -7.07
N ALA A 22 0.65 -5.25 -7.05
CA ALA A 22 1.88 -5.45 -6.31
C ALA A 22 1.66 -5.21 -4.82
N CYS A 23 0.90 -4.18 -4.50
CA CYS A 23 0.62 -3.84 -3.11
C CYS A 23 -0.88 -3.77 -2.84
N PRO A 24 -1.55 -4.93 -2.73
CA PRO A 24 -2.97 -4.99 -2.36
C PRO A 24 -3.13 -4.94 -0.84
N ASP A 25 -2.02 -4.72 -0.15
CA ASP A 25 -1.98 -4.73 1.31
C ASP A 25 -2.40 -3.37 1.87
N VAL A 26 -3.48 -2.83 1.32
CA VAL A 26 -3.97 -1.54 1.74
C VAL A 26 -4.77 -1.65 3.03
N CYS A 27 -4.21 -1.11 4.09
CA CYS A 27 -4.88 -1.08 5.39
C CYS A 27 -6.20 -0.33 5.31
N ASP A 28 -7.28 -1.05 5.57
CA ASP A 28 -8.64 -0.51 5.49
C ASP A 28 -8.84 0.65 6.48
N ASP A 29 -8.03 0.66 7.52
CA ASP A 29 -8.13 1.67 8.58
C ASP A 29 -8.04 3.09 8.01
N ASP A 30 -7.15 3.29 7.05
CA ASP A 30 -6.90 4.62 6.51
C ASP A 30 -7.88 4.95 5.40
N TRP A 31 -8.67 3.96 4.98
CA TRP A 31 -9.53 4.12 3.84
C TRP A 31 -10.99 3.90 4.23
N CYS A 1 4.48 -6.83 -2.46
CA CYS A 1 4.53 -5.37 -2.33
C CYS A 1 5.93 -4.93 -1.94
N PRO A 2 6.49 -3.91 -2.63
CA PRO A 2 7.82 -3.38 -2.31
C PRO A 2 7.93 -2.98 -0.84
N ALA A 3 9.07 -3.34 -0.24
CA ALA A 3 9.30 -3.17 1.19
C ALA A 3 9.13 -1.72 1.63
N LEU A 4 9.33 -0.80 0.71
CA LEU A 4 9.16 0.62 0.99
C LEU A 4 7.74 0.92 1.46
N CYS A 5 6.77 0.28 0.83
CA CYS A 5 5.37 0.50 1.17
C CYS A 5 4.95 -0.35 2.36
N SER A 6 5.60 -1.48 2.56
CA SER A 6 5.19 -2.45 3.59
C SER A 6 5.13 -1.81 4.98
N HIS A 7 6.19 -1.13 5.39
CA HIS A 7 6.24 -0.49 6.71
C HIS A 7 5.48 0.84 6.68
N SER A 8 5.15 1.22 5.49
CA SER A 8 4.47 2.47 5.19
C SER A 8 2.96 2.29 5.05
N CYS A 9 2.37 1.39 5.83
CA CYS A 9 0.93 1.04 5.75
C CYS A 9 0.01 2.25 5.47
N ARG A 10 0.37 3.45 5.93
CA ARG A 10 -0.43 4.63 5.64
C ARG A 10 -0.37 4.97 4.17
N SER A 11 0.85 5.00 3.66
CA SER A 11 1.16 5.24 2.27
C SER A 11 0.38 4.33 1.32
N LEU A 12 -0.09 3.20 1.82
CA LEU A 12 -0.69 2.18 0.96
C LEU A 12 -1.89 2.68 0.17
N LYS A 13 -2.55 3.71 0.65
CA LYS A 13 -3.66 4.27 -0.09
C LYS A 13 -3.16 4.90 -1.39
N LEU A 14 -1.98 5.50 -1.32
CA LEU A 14 -1.35 6.10 -2.50
C LEU A 14 -0.54 5.05 -3.26
N CYS A 15 0.21 4.26 -2.51
CA CYS A 15 1.08 3.22 -3.07
C CYS A 15 0.26 2.21 -3.88
N ASN A 16 -0.94 1.87 -3.41
CA ASN A 16 -1.79 0.90 -4.09
C ASN A 16 -2.27 1.43 -5.45
N ARG A 17 -2.25 2.75 -5.60
CA ARG A 17 -2.70 3.35 -6.84
C ARG A 17 -1.61 3.25 -7.90
N LEU A 18 -0.38 3.07 -7.44
CA LEU A 18 0.76 2.91 -8.34
C LEU A 18 1.12 1.43 -8.46
N LEU A 19 0.90 0.72 -7.37
CA LEU A 19 1.22 -0.70 -7.26
C LEU A 19 -0.03 -1.47 -6.86
N PRO A 20 -1.01 -1.59 -7.78
CA PRO A 20 -2.32 -2.17 -7.46
C PRO A 20 -2.29 -3.69 -7.30
N THR A 21 -1.66 -4.36 -8.25
CA THR A 21 -1.53 -5.81 -8.19
C THR A 21 -0.26 -6.19 -7.45
N ALA A 22 0.60 -5.20 -7.24
CA ALA A 22 1.85 -5.40 -6.52
C ALA A 22 1.62 -5.22 -5.02
N CYS A 23 0.73 -4.32 -4.67
CA CYS A 23 0.40 -4.08 -3.27
C CYS A 23 -1.11 -4.15 -3.06
N PRO A 24 -1.72 -5.35 -3.15
CA PRO A 24 -3.15 -5.54 -2.88
C PRO A 24 -3.43 -5.48 -1.39
N ASP A 25 -2.34 -5.46 -0.62
CA ASP A 25 -2.40 -5.38 0.83
C ASP A 25 -2.59 -3.94 1.29
N VAL A 26 -3.53 -3.25 0.65
CA VAL A 26 -3.76 -1.85 0.94
C VAL A 26 -4.55 -1.69 2.23
N CYS A 27 -3.98 -0.94 3.16
CA CYS A 27 -4.58 -0.72 4.47
C CYS A 27 -5.90 0.02 4.37
N ASP A 28 -6.97 -0.62 4.85
CA ASP A 28 -8.29 -0.01 4.84
C ASP A 28 -8.47 0.95 6.00
N ASP A 29 -7.60 0.80 7.01
CA ASP A 29 -7.67 1.64 8.20
C ASP A 29 -7.28 3.07 7.90
N ASP A 30 -6.44 3.25 6.89
CA ASP A 30 -5.99 4.59 6.52
C ASP A 30 -7.12 5.35 5.83
N TRP A 31 -7.72 4.69 4.83
CA TRP A 31 -8.86 5.24 4.09
C TRP A 31 -8.56 6.63 3.54
N CYS A 1 4.23 -7.24 -2.49
CA CYS A 1 4.35 -5.79 -2.24
C CYS A 1 5.79 -5.43 -1.91
N PRO A 2 6.38 -4.47 -2.63
CA PRO A 2 7.72 -3.94 -2.33
C PRO A 2 7.86 -3.54 -0.87
N ALA A 3 9.00 -3.92 -0.29
CA ALA A 3 9.24 -3.80 1.14
C ALA A 3 9.07 -2.38 1.66
N LEU A 4 9.39 -1.40 0.83
CA LEU A 4 9.30 0.00 1.24
C LEU A 4 7.84 0.45 1.33
N CYS A 5 6.99 -0.17 0.54
CA CYS A 5 5.56 0.12 0.60
C CYS A 5 4.91 -0.73 1.69
N SER A 6 5.59 -1.80 2.08
CA SER A 6 5.06 -2.71 3.09
C SER A 6 5.03 -2.04 4.48
N HIS A 7 6.04 -1.22 4.77
CA HIS A 7 6.14 -0.57 6.08
C HIS A 7 5.36 0.74 6.10
N SER A 8 5.17 1.32 4.92
CA SER A 8 4.56 2.63 4.77
C SER A 8 3.04 2.56 4.71
N CYS A 9 2.45 1.64 5.47
CA CYS A 9 1.02 1.34 5.47
C CYS A 9 0.11 2.58 5.33
N ARG A 10 0.56 3.72 5.82
CA ARG A 10 -0.19 4.97 5.68
C ARG A 10 -0.31 5.37 4.21
N SER A 11 0.82 5.33 3.54
CA SER A 11 0.93 5.64 2.13
C SER A 11 0.11 4.71 1.25
N LEU A 12 -0.30 3.58 1.81
CA LEU A 12 -0.91 2.51 1.02
C LEU A 12 -2.19 2.93 0.32
N LYS A 13 -2.84 3.98 0.79
CA LYS A 13 -3.99 4.51 0.08
C LYS A 13 -3.55 4.99 -1.30
N LEU A 14 -2.44 5.71 -1.37
CA LEU A 14 -1.89 6.17 -2.62
C LEU A 14 -0.98 5.10 -3.26
N CYS A 15 -0.18 4.44 -2.44
CA CYS A 15 0.80 3.46 -2.91
C CYS A 15 0.10 2.32 -3.66
N ASN A 16 -1.10 1.96 -3.22
CA ASN A 16 -1.88 0.90 -3.88
C ASN A 16 -2.31 1.32 -5.28
N ARG A 17 -2.35 2.62 -5.54
CA ARG A 17 -2.72 3.12 -6.86
C ARG A 17 -1.53 3.02 -7.80
N LEU A 18 -0.34 3.13 -7.23
CA LEU A 18 0.90 3.06 -7.99
C LEU A 18 1.37 1.61 -8.07
N LEU A 19 1.00 0.83 -7.06
CA LEU A 19 1.34 -0.58 -6.98
C LEU A 19 0.07 -1.41 -6.79
N PRO A 20 -0.80 -1.47 -7.82
CA PRO A 20 -2.12 -2.10 -7.72
C PRO A 20 -2.04 -3.62 -7.61
N THR A 21 -1.25 -4.21 -8.49
CA THR A 21 -1.06 -5.65 -8.48
C THR A 21 0.06 -6.02 -7.53
N ALA A 22 0.95 -5.06 -7.31
CA ALA A 22 2.13 -5.29 -6.48
C ALA A 22 1.80 -5.23 -5.00
N CYS A 23 0.96 -4.28 -4.60
CA CYS A 23 0.62 -4.13 -3.20
C CYS A 23 -0.89 -4.21 -2.97
N PRO A 24 -1.43 -5.44 -2.91
CA PRO A 24 -2.84 -5.66 -2.56
C PRO A 24 -3.06 -5.58 -1.05
N ASP A 25 -1.97 -5.41 -0.32
CA ASP A 25 -2.00 -5.27 1.13
C ASP A 25 -2.33 -3.84 1.53
N VAL A 26 -3.32 -3.27 0.87
CA VAL A 26 -3.66 -1.87 1.07
C VAL A 26 -4.43 -1.70 2.37
N CYS A 27 -3.88 -0.87 3.25
CA CYS A 27 -4.51 -0.61 4.53
C CYS A 27 -5.82 0.16 4.34
N ASP A 28 -6.91 -0.47 4.71
CA ASP A 28 -8.23 0.12 4.55
C ASP A 28 -8.52 1.07 5.72
N ASP A 29 -7.84 0.83 6.82
CA ASP A 29 -8.07 1.57 8.06
C ASP A 29 -7.51 2.98 7.97
N ASP A 30 -6.73 3.23 6.93
CA ASP A 30 -6.14 4.56 6.72
C ASP A 30 -7.05 5.40 5.84
N TRP A 31 -8.16 4.81 5.41
CA TRP A 31 -9.11 5.49 4.55
C TRP A 31 -9.85 6.56 5.33
N CYS A 1 4.22 -6.83 -3.03
CA CYS A 1 4.31 -5.41 -2.66
C CYS A 1 5.70 -5.11 -2.13
N PRO A 2 6.35 -4.04 -2.64
CA PRO A 2 7.66 -3.60 -2.15
C PRO A 2 7.63 -3.33 -0.65
N ALA A 3 8.67 -3.78 0.03
CA ALA A 3 8.76 -3.67 1.50
C ALA A 3 8.71 -2.22 1.96
N LEU A 4 9.03 -1.31 1.04
CA LEU A 4 9.00 0.11 1.32
C LEU A 4 7.60 0.56 1.75
N CYS A 5 6.58 0.06 1.07
CA CYS A 5 5.21 0.43 1.39
C CYS A 5 4.78 -0.15 2.73
N SER A 6 5.31 -1.33 3.06
CA SER A 6 4.95 -1.99 4.32
C SER A 6 5.41 -1.15 5.51
N HIS A 7 6.42 -0.32 5.29
CA HIS A 7 6.96 0.54 6.33
C HIS A 7 6.17 1.85 6.40
N SER A 8 5.30 2.05 5.43
CA SER A 8 4.58 3.30 5.25
C SER A 8 3.08 3.09 5.16
N CYS A 9 2.56 2.14 5.94
CA CYS A 9 1.16 1.66 5.86
C CYS A 9 0.10 2.73 5.54
N ARG A 10 0.32 3.99 5.94
CA ARG A 10 -0.64 5.05 5.61
C ARG A 10 -0.55 5.40 4.13
N SER A 11 0.68 5.53 3.69
CA SER A 11 1.01 5.83 2.29
C SER A 11 0.43 4.80 1.34
N LEU A 12 0.00 3.65 1.87
CA LEU A 12 -0.57 2.58 1.05
C LEU A 12 -1.71 3.07 0.16
N LYS A 13 -2.38 4.13 0.58
CA LYS A 13 -3.42 4.74 -0.24
C LYS A 13 -2.84 5.21 -1.57
N LEU A 14 -1.60 5.66 -1.53
CA LEU A 14 -0.89 6.05 -2.73
C LEU A 14 -0.20 4.84 -3.36
N CYS A 15 0.43 4.01 -2.53
CA CYS A 15 1.14 2.83 -3.00
C CYS A 15 0.24 1.96 -3.87
N ASN A 16 -0.99 1.75 -3.41
CA ASN A 16 -1.99 0.95 -4.14
C ASN A 16 -2.28 1.52 -5.53
N ARG A 17 -1.99 2.80 -5.74
CA ARG A 17 -2.33 3.43 -7.01
C ARG A 17 -1.20 3.21 -8.02
N LEU A 18 0.01 3.08 -7.49
CA LEU A 18 1.19 2.87 -8.30
C LEU A 18 1.47 1.38 -8.43
N LEU A 19 1.02 0.65 -7.44
CA LEU A 19 1.22 -0.79 -7.34
C LEU A 19 -0.11 -1.46 -6.98
N PRO A 20 -1.10 -1.41 -7.88
CA PRO A 20 -2.46 -1.86 -7.59
C PRO A 20 -2.59 -3.37 -7.49
N THR A 21 -2.04 -4.08 -8.47
CA THR A 21 -2.07 -5.52 -8.46
C THR A 21 -0.80 -6.05 -7.76
N ALA A 22 0.15 -5.16 -7.59
CA ALA A 22 1.42 -5.50 -6.96
C ALA A 22 1.32 -5.37 -5.45
N CYS A 23 0.48 -4.47 -4.99
CA CYS A 23 0.28 -4.28 -3.56
C CYS A 23 -1.19 -4.37 -3.21
N PRO A 24 -1.71 -5.59 -3.02
CA PRO A 24 -3.07 -5.82 -2.56
C PRO A 24 -3.16 -5.79 -1.03
N ASP A 25 -2.01 -5.72 -0.39
CA ASP A 25 -1.93 -5.66 1.08
C ASP A 25 -2.13 -4.24 1.58
N VAL A 26 -3.12 -3.57 1.02
CA VAL A 26 -3.37 -2.17 1.32
C VAL A 26 -4.11 -2.05 2.64
N CYS A 27 -3.55 -1.27 3.55
CA CYS A 27 -4.15 -1.05 4.86
C CYS A 27 -5.58 -0.54 4.70
N ASP A 28 -6.53 -1.35 5.13
CA ASP A 28 -7.95 -1.02 5.02
C ASP A 28 -8.37 -0.10 6.16
N ASP A 29 -7.50 0.01 7.15
CA ASP A 29 -7.74 0.84 8.33
C ASP A 29 -8.06 2.29 7.94
N ASP A 30 -7.42 2.78 6.88
CA ASP A 30 -7.59 4.16 6.45
C ASP A 30 -8.90 4.34 5.68
N TRP A 31 -9.38 3.26 5.08
CA TRP A 31 -10.56 3.32 4.22
C TRP A 31 -11.82 3.55 5.05
N CYS A 1 4.16 -6.99 -2.45
CA CYS A 1 4.27 -5.55 -2.15
C CYS A 1 5.67 -5.20 -1.70
N PRO A 2 6.31 -4.20 -2.34
CA PRO A 2 7.66 -3.75 -1.95
C PRO A 2 7.73 -3.35 -0.48
N ALA A 3 8.83 -3.73 0.16
CA ALA A 3 9.01 -3.56 1.60
C ALA A 3 8.95 -2.09 2.01
N LEU A 4 9.44 -1.21 1.15
CA LEU A 4 9.43 0.23 1.41
C LEU A 4 8.00 0.74 1.48
N CYS A 5 7.14 0.17 0.65
CA CYS A 5 5.74 0.53 0.65
C CYS A 5 5.01 -0.19 1.78
N SER A 6 5.30 -1.49 1.94
CA SER A 6 4.64 -2.33 2.94
C SER A 6 4.75 -1.75 4.34
N HIS A 7 5.96 -1.31 4.71
CA HIS A 7 6.20 -0.65 5.99
C HIS A 7 5.39 0.65 6.09
N SER A 8 5.32 1.34 4.97
CA SER A 8 4.71 2.64 4.87
C SER A 8 3.19 2.57 4.80
N CYS A 9 2.60 1.63 5.56
CA CYS A 9 1.17 1.30 5.52
C CYS A 9 0.24 2.53 5.37
N ARG A 10 0.67 3.69 5.85
CA ARG A 10 -0.12 4.90 5.70
C ARG A 10 -0.18 5.34 4.22
N SER A 11 0.98 5.32 3.60
CA SER A 11 1.14 5.61 2.18
C SER A 11 0.31 4.71 1.28
N LEU A 12 -0.14 3.58 1.81
CA LEU A 12 -0.76 2.53 1.00
C LEU A 12 -2.01 3.00 0.28
N LYS A 13 -2.63 4.06 0.75
CA LYS A 13 -3.76 4.65 0.06
C LYS A 13 -3.35 5.07 -1.36
N LEU A 14 -2.24 5.80 -1.45
CA LEU A 14 -1.73 6.25 -2.72
C LEU A 14 -0.83 5.18 -3.35
N CYS A 15 -0.08 4.48 -2.51
CA CYS A 15 0.85 3.45 -2.98
C CYS A 15 0.10 2.34 -3.70
N ASN A 16 -1.13 2.08 -3.26
CA ASN A 16 -1.99 1.08 -3.90
C ASN A 16 -2.34 1.49 -5.33
N ARG A 17 -2.33 2.79 -5.60
CA ARG A 17 -2.63 3.28 -6.94
C ARG A 17 -1.43 3.03 -7.85
N LEU A 18 -0.25 3.11 -7.26
CA LEU A 18 0.98 2.96 -8.00
C LEU A 18 1.36 1.48 -8.09
N LEU A 19 0.98 0.74 -7.07
CA LEU A 19 1.25 -0.67 -6.97
C LEU A 19 -0.04 -1.44 -6.71
N PRO A 20 -0.92 -1.53 -7.71
CA PRO A 20 -2.25 -2.13 -7.56
C PRO A 20 -2.19 -3.65 -7.45
N THR A 21 -1.42 -4.26 -8.35
CA THR A 21 -1.23 -5.70 -8.34
C THR A 21 -0.06 -6.08 -7.45
N ALA A 22 0.88 -5.16 -7.32
CA ALA A 22 2.05 -5.36 -6.48
C ALA A 22 1.68 -5.26 -5.01
N CYS A 23 0.78 -4.34 -4.68
CA CYS A 23 0.36 -4.15 -3.30
C CYS A 23 -1.16 -4.25 -3.17
N PRO A 24 -1.73 -5.46 -3.26
CA PRO A 24 -3.16 -5.68 -3.03
C PRO A 24 -3.47 -5.73 -1.55
N ASP A 25 -2.42 -5.95 -0.76
CA ASP A 25 -2.49 -5.97 0.70
C ASP A 25 -2.59 -4.55 1.25
N VAL A 26 -3.46 -3.75 0.65
CA VAL A 26 -3.56 -2.34 0.97
C VAL A 26 -4.26 -2.11 2.30
N CYS A 27 -3.71 -1.18 3.08
CA CYS A 27 -4.24 -0.87 4.40
C CYS A 27 -5.61 -0.20 4.31
N ASP A 28 -6.61 -0.81 4.93
CA ASP A 28 -7.94 -0.24 4.98
C ASP A 28 -8.04 0.81 6.08
N ASP A 29 -7.04 0.82 6.95
CA ASP A 29 -7.03 1.73 8.10
C ASP A 29 -7.05 3.20 7.66
N ASP A 30 -6.40 3.48 6.53
CA ASP A 30 -6.30 4.85 6.03
C ASP A 30 -7.62 5.32 5.45
N TRP A 31 -8.48 4.36 5.08
CA TRP A 31 -9.77 4.67 4.50
C TRP A 31 -10.75 5.12 5.58
N CYS A 1 4.69 -7.07 -2.91
CA CYS A 1 4.65 -5.64 -2.57
C CYS A 1 6.00 -5.19 -2.02
N PRO A 2 6.62 -4.17 -2.65
CA PRO A 2 7.89 -3.60 -2.19
C PRO A 2 7.86 -3.20 -0.71
N ALA A 3 8.98 -3.46 -0.03
CA ALA A 3 9.08 -3.25 1.42
C ALA A 3 8.88 -1.78 1.80
N LEU A 4 9.09 -0.89 0.85
CA LEU A 4 8.87 0.53 1.08
C LEU A 4 7.44 0.79 1.53
N CYS A 5 6.48 0.25 0.78
CA CYS A 5 5.08 0.43 1.10
C CYS A 5 4.70 -0.41 2.32
N SER A 6 5.38 -1.53 2.51
CA SER A 6 5.13 -2.40 3.66
C SER A 6 5.40 -1.66 4.98
N HIS A 7 6.39 -0.78 4.95
CA HIS A 7 6.78 0.00 6.12
C HIS A 7 5.91 1.25 6.26
N SER A 8 5.13 1.51 5.23
CA SER A 8 4.32 2.72 5.14
C SER A 8 2.85 2.38 4.91
N CYS A 9 2.42 1.28 5.52
CA CYS A 9 1.09 0.68 5.30
C CYS A 9 -0.07 1.70 5.17
N ARG A 10 0.08 2.89 5.74
CA ARG A 10 -0.94 3.92 5.62
C ARG A 10 -0.94 4.52 4.21
N SER A 11 0.27 4.82 3.76
CA SER A 11 0.54 5.35 2.42
C SER A 11 -0.02 4.45 1.33
N LEU A 12 -0.37 3.22 1.68
CA LEU A 12 -0.87 2.25 0.72
C LEU A 12 -2.02 2.77 -0.13
N LYS A 13 -2.76 3.75 0.37
CA LYS A 13 -3.79 4.40 -0.43
C LYS A 13 -3.18 4.99 -1.70
N LEU A 14 -2.01 5.60 -1.56
CA LEU A 14 -1.28 6.18 -2.66
C LEU A 14 -0.45 5.11 -3.38
N CYS A 15 0.22 4.26 -2.61
CA CYS A 15 1.08 3.22 -3.17
C CYS A 15 0.30 2.29 -4.10
N ASN A 16 -0.94 2.00 -3.73
CA ASN A 16 -1.80 1.10 -4.52
C ASN A 16 -2.14 1.72 -5.88
N ARG A 17 -1.90 3.01 -6.03
CA ARG A 17 -2.19 3.70 -7.28
C ARG A 17 -1.05 3.46 -8.27
N LEU A 18 0.12 3.16 -7.72
CA LEU A 18 1.30 2.84 -8.50
C LEU A 18 1.54 1.33 -8.54
N LEU A 19 1.20 0.68 -7.44
CA LEU A 19 1.41 -0.74 -7.24
C LEU A 19 0.09 -1.43 -6.87
N PRO A 20 -0.85 -1.54 -7.82
CA PRO A 20 -2.18 -2.05 -7.53
C PRO A 20 -2.22 -3.57 -7.35
N THR A 21 -1.59 -4.29 -8.26
CA THR A 21 -1.55 -5.74 -8.17
C THR A 21 -0.35 -6.19 -7.36
N ALA A 22 0.63 -5.31 -7.25
CA ALA A 22 1.82 -5.55 -6.46
C ALA A 22 1.53 -5.37 -4.98
N CYS A 23 0.69 -4.39 -4.66
CA CYS A 23 0.36 -4.09 -3.28
C CYS A 23 -1.16 -4.01 -3.07
N PRO A 24 -1.84 -5.18 -2.98
CA PRO A 24 -3.26 -5.22 -2.62
C PRO A 24 -3.44 -5.17 -1.11
N ASP A 25 -2.32 -5.13 -0.41
CA ASP A 25 -2.26 -5.13 1.04
C ASP A 25 -2.53 -3.73 1.61
N VAL A 26 -3.56 -3.10 1.09
CA VAL A 26 -3.91 -1.74 1.48
C VAL A 26 -4.66 -1.76 2.81
N CYS A 27 -4.02 -1.23 3.84
CA CYS A 27 -4.59 -1.22 5.18
C CYS A 27 -5.87 -0.38 5.23
N ASP A 28 -6.93 -0.99 5.77
CA ASP A 28 -8.22 -0.32 5.92
C ASP A 28 -8.16 0.70 7.06
N ASP A 29 -7.13 0.55 7.89
CA ASP A 29 -6.90 1.43 9.03
C ASP A 29 -6.90 2.91 8.63
N ASP A 30 -6.26 3.22 7.52
CA ASP A 30 -6.09 4.61 7.10
C ASP A 30 -7.33 5.15 6.39
N TRP A 31 -8.25 4.27 6.03
CA TRP A 31 -9.47 4.68 5.36
C TRP A 31 -10.48 5.21 6.37
#